data_5QPV
#
_entry.id   5QPV
#
_cell.length_a   57.831
_cell.length_b   57.831
_cell.length_c   397.468
_cell.angle_alpha   90.000
_cell.angle_beta   90.000
_cell.angle_gamma   120.000
#
_symmetry.space_group_name_H-M   'P 61 2 2'
#
loop_
_entity.id
_entity.type
_entity.pdbx_description
1 polymer 'Farnesyl diphosphate synthase'
2 non-polymer 'SULFATE ION'
3 non-polymer 'ZINC ION'
4 non-polymer (2~{S})-~{N}-(4-aminocarbonylphenyl)oxolane-2-carboxamide
5 water water
#
_entity_poly.entity_id   1
_entity_poly.type   'polypeptide(L)'
_entity_poly.pdbx_seq_one_letter_code
;GPMASMERFLSVYDEVQAFLLDQLQSKYEIDPNRARYLRIMMDTTCLGGKYFRGMTVVNVAEGFLAVTQHDEATKERILH
DACVGGWMIEFLQAHYLVEDDIMDGSVMRRGKPCWYRFPGVTTQCAINDGIILKSWTQIMAWHYFADRPFLKDLLCLFQK
VDYATAVGQMYDVTSMCDSNKLDPEVAQPMTTDFAEFTPAIYKRIVKYKTTFYTYLLPLVMGLLVSEAAASVEMNLVERV
AHLIGEYFQVQDDVMDCFTPPEQLGKVGTDIEDAKCSWLAVTFLGKANAAQVAEFKANYGEKDPAKVAVVKRLYSKANLQ
ADFAAYEAEVVREVESLIEQLKVKSPTFAESVAVVWEKTHKRKK
;
_entity_poly.pdbx_strand_id   A
#
# COMPACT_ATOMS: atom_id res chain seq x y z
N MET A 3 24.20 15.37 2.22
CA MET A 3 22.93 14.77 2.79
C MET A 3 22.07 14.07 1.71
N ALA A 4 22.26 12.76 1.58
CA ALA A 4 21.39 11.91 0.81
C ALA A 4 19.93 12.10 1.32
N SER A 5 19.02 11.82 0.39
CA SER A 5 17.57 11.90 0.64
C SER A 5 17.14 10.99 1.73
N MET A 6 17.66 9.75 1.68
CA MET A 6 17.31 8.76 2.71
C MET A 6 17.79 9.16 4.07
N GLU A 7 19.01 9.72 4.11
CA GLU A 7 19.51 10.16 5.38
C GLU A 7 18.63 11.28 5.94
N ARG A 8 18.16 12.19 5.10
CA ARG A 8 17.27 13.23 5.58
C ARG A 8 15.92 12.68 6.09
N PHE A 9 15.43 11.75 5.30
CA PHE A 9 14.13 11.16 5.62
C PHE A 9 14.16 10.45 6.99
N LEU A 10 15.17 9.63 7.17
CA LEU A 10 15.35 8.99 8.52
C LEU A 10 15.58 9.93 9.64
N SER A 11 16.33 11.05 9.41
CA SER A 11 16.49 12.04 10.44
C SER A 11 15.20 12.68 10.85
N VAL A 12 14.32 12.95 9.88
CA VAL A 12 13.06 13.50 10.20
C VAL A 12 12.16 12.52 11.02
N TYR A 13 12.30 11.22 10.79
CA TYR A 13 11.61 10.25 11.70
C TYR A 13 11.93 10.51 13.16
N ASP A 14 13.24 10.68 13.51
CA ASP A 14 13.61 10.98 14.88
C ASP A 14 12.96 12.23 15.39
N GLU A 15 12.87 13.27 14.56
CA GLU A 15 12.32 14.46 14.95
C GLU A 15 10.79 14.33 15.20
N VAL A 16 10.10 13.65 14.28
CA VAL A 16 8.62 13.45 14.47
C VAL A 16 8.35 12.59 15.69
N GLN A 17 9.10 11.52 15.86
CA GLN A 17 8.96 10.69 17.02
C GLN A 17 9.14 11.46 18.31
N ALA A 18 10.18 12.31 18.39
CA ALA A 18 10.35 13.16 19.55
C ALA A 18 9.24 14.15 19.78
N PHE A 19 8.71 14.72 18.71
CA PHE A 19 7.65 15.64 18.81
C PHE A 19 6.38 14.93 19.42
N LEU A 20 6.07 13.77 18.85
CA LEU A 20 4.86 13.06 19.24
C LEU A 20 4.98 12.60 20.72
N LEU A 21 6.10 11.98 21.06
CA LEU A 21 6.33 11.52 22.46
C LEU A 21 6.38 12.69 23.50
N ASP A 22 6.95 13.80 23.12
CA ASP A 22 7.11 14.95 24.04
C ASP A 22 5.74 15.57 24.23
N GLN A 23 4.94 15.57 23.15
CA GLN A 23 3.60 16.11 23.22
C GLN A 23 2.79 15.21 24.13
N LEU A 24 2.98 13.89 24.05
CA LEU A 24 2.18 13.02 24.92
C LEU A 24 2.46 13.36 26.40
N GLN A 25 3.71 13.67 26.69
CA GLN A 25 4.10 14.06 28.07
C GLN A 25 3.61 15.43 28.52
N SER A 26 3.67 16.41 27.63
CA SER A 26 3.34 17.78 28.07
C SER A 26 1.86 18.07 27.98
N LYS A 27 1.11 17.38 27.11
CA LYS A 27 -0.27 17.70 26.90
C LYS A 27 -1.21 16.52 27.26
N TYR A 28 -0.71 15.28 27.29
CA TYR A 28 -1.64 14.10 27.46
C TYR A 28 -1.38 13.31 28.72
N GLU A 29 -0.58 13.89 29.61
CA GLU A 29 -0.34 13.32 30.92
C GLU A 29 0.26 11.96 30.84
N ILE A 30 0.97 11.62 29.76
CA ILE A 30 1.59 10.34 29.74
C ILE A 30 2.71 10.19 30.67
N ASP A 31 2.87 8.95 31.12
CA ASP A 31 3.97 8.53 31.98
C ASP A 31 5.09 7.91 31.19
N PRO A 32 6.30 7.82 31.77
CA PRO A 32 7.38 7.29 30.93
C PRO A 32 7.28 5.91 30.39
N ASN A 33 6.73 4.95 31.12
CA ASN A 33 6.60 3.61 30.65
C ASN A 33 5.64 3.47 29.44
N ARG A 34 4.57 4.20 29.52
CA ARG A 34 3.60 4.22 28.36
C ARG A 34 4.20 4.94 27.13
N ALA A 35 5.00 5.99 27.40
CA ALA A 35 5.75 6.65 26.29
C ALA A 35 6.69 5.66 25.66
N ARG A 36 7.39 4.86 26.47
CA ARG A 36 8.27 3.92 25.97
C ARG A 36 7.54 2.80 25.17
N TYR A 37 6.40 2.37 25.69
CA TYR A 37 5.60 1.33 24.98
C TYR A 37 5.31 1.90 23.55
N LEU A 38 4.82 3.13 23.48
CA LEU A 38 4.44 3.78 22.20
C LEU A 38 5.62 4.07 21.33
N ARG A 39 6.81 4.32 21.91
CA ARG A 39 7.98 4.45 21.10
C ARG A 39 8.34 3.15 20.43
N ILE A 40 8.36 2.06 21.22
CA ILE A 40 8.57 0.79 20.68
C ILE A 40 7.56 0.37 19.60
N MET A 41 6.30 0.66 19.90
CA MET A 41 5.25 0.37 18.92
C MET A 41 5.56 1.07 17.58
N MET A 42 5.89 2.34 17.67
CA MET A 42 6.15 3.12 16.49
C MET A 42 7.29 2.56 15.71
N ASP A 43 8.41 2.29 16.36
CA ASP A 43 9.50 1.73 15.69
C ASP A 43 9.25 0.38 14.98
N THR A 44 8.53 -0.48 15.69
CA THR A 44 8.31 -1.77 15.25
C THR A 44 7.40 -1.79 14.05
N THR A 45 6.45 -0.86 13.98
CA THR A 45 5.44 -0.87 12.96
C THR A 45 5.74 0.03 11.76
N CYS A 46 6.52 1.06 12.05
CA CYS A 46 6.83 2.13 11.04
C CYS A 46 8.21 2.04 10.36
N LEU A 47 9.11 1.18 10.84
CA LEU A 47 10.42 1.03 10.20
C LEU A 47 10.56 -0.31 9.51
N GLY A 48 11.47 -0.36 8.56
CA GLY A 48 11.70 -1.53 7.72
C GLY A 48 11.57 -1.25 6.23
N GLY A 49 12.43 -1.90 5.47
CA GLY A 49 12.34 -1.87 4.02
C GLY A 49 12.93 -0.61 3.43
N LYS A 50 12.42 -0.29 2.24
CA LYS A 50 12.99 0.69 1.32
C LYS A 50 12.33 2.06 1.51
N TYR A 51 11.09 2.07 2.00
CA TYR A 51 10.26 3.26 2.18
C TYR A 51 9.93 3.87 0.83
N PHE A 52 9.53 3.04 -0.13
CA PHE A 52 9.18 3.58 -1.43
C PHE A 52 8.11 4.68 -1.34
N ARG A 53 7.13 4.47 -0.46
CA ARG A 53 6.00 5.37 -0.35
C ARG A 53 6.42 6.75 0.14
N GLY A 54 7.07 6.78 1.29
CA GLY A 54 7.55 8.07 1.87
C GLY A 54 8.59 8.69 1.01
N MET A 55 9.55 7.92 0.49
CA MET A 55 10.65 8.48 -0.30
C MET A 55 10.13 8.97 -1.68
N THR A 56 9.01 8.42 -2.19
CA THR A 56 8.43 8.97 -3.39
C THR A 56 8.08 10.50 -3.17
N VAL A 57 7.58 10.85 -2.01
CA VAL A 57 7.17 12.23 -1.78
C VAL A 57 8.46 13.08 -1.89
N VAL A 58 9.52 12.64 -1.25
CA VAL A 58 10.83 13.33 -1.27
C VAL A 58 11.36 13.43 -2.66
N ASN A 59 11.30 12.31 -3.39
CA ASN A 59 11.84 12.28 -4.76
C ASN A 59 11.06 13.24 -5.68
N VAL A 60 9.74 13.28 -5.59
CA VAL A 60 8.94 14.17 -6.40
C VAL A 60 9.39 15.62 -6.02
N ALA A 61 9.45 15.91 -4.71
CA ALA A 61 9.79 17.33 -4.33
C ALA A 61 11.20 17.67 -4.83
N GLU A 62 12.14 16.74 -4.74
CA GLU A 62 13.52 17.03 -5.20
C GLU A 62 13.60 17.28 -6.71
N GLY A 63 12.72 16.66 -7.50
CA GLY A 63 12.71 16.91 -8.98
C GLY A 63 12.21 18.34 -9.25
N PHE A 64 11.23 18.82 -8.49
CA PHE A 64 10.80 20.22 -8.61
C PHE A 64 11.84 21.20 -8.09
N LEU A 65 12.55 20.85 -7.03
CA LEU A 65 13.64 21.72 -6.50
C LEU A 65 14.71 21.95 -7.50
N ALA A 66 14.95 20.99 -8.36
CA ALA A 66 15.99 21.09 -9.33
C ALA A 66 15.70 22.10 -10.37
N VAL A 67 14.42 22.40 -10.57
CA VAL A 67 14.04 23.31 -11.69
C VAL A 67 13.41 24.59 -11.29
N THR A 68 13.35 24.87 -10.00
CA THR A 68 12.49 25.93 -9.47
C THR A 68 13.34 26.83 -8.65
N GLN A 69 13.15 28.14 -8.73
CA GLN A 69 14.01 29.05 -7.97
C GLN A 69 13.50 29.26 -6.57
N HIS A 70 14.38 29.10 -5.59
CA HIS A 70 14.03 29.26 -4.18
C HIS A 70 15.26 29.69 -3.38
N ASP A 71 15.01 30.39 -2.28
CA ASP A 71 16.01 30.61 -1.22
C ASP A 71 16.40 29.27 -0.61
N GLU A 72 17.61 29.21 -0.09
CA GLU A 72 18.06 27.95 0.53
C GLU A 72 17.12 27.56 1.66
N ALA A 73 16.68 28.49 2.47
CA ALA A 73 15.85 28.12 3.60
C ALA A 73 14.48 27.57 3.11
N THR A 74 14.02 28.03 1.94
CA THR A 74 12.85 27.44 1.28
C THR A 74 13.04 26.00 0.80
N LYS A 75 14.17 25.78 0.17
CA LYS A 75 14.49 24.43 -0.28
C LYS A 75 14.47 23.51 0.96
N GLU A 76 15.04 23.93 2.07
CA GLU A 76 15.07 23.09 3.27
C GLU A 76 13.69 22.84 3.76
N ARG A 77 12.87 23.87 3.77
CA ARG A 77 11.52 23.72 4.28
C ARG A 77 10.71 22.80 3.41
N ILE A 78 10.87 22.87 2.11
CA ILE A 78 10.14 22.01 1.18
C ILE A 78 10.58 20.57 1.41
N LEU A 79 11.90 20.31 1.46
CA LEU A 79 12.41 18.93 1.73
C LEU A 79 11.91 18.44 3.08
N HIS A 80 11.86 19.32 4.08
CA HIS A 80 11.36 18.90 5.42
C HIS A 80 9.90 18.54 5.34
N ASP A 81 9.14 19.37 4.66
CA ASP A 81 7.69 19.04 4.45
C ASP A 81 7.53 17.73 3.69
N ALA A 82 8.30 17.49 2.65
CA ALA A 82 8.18 16.24 1.87
C ALA A 82 8.46 15.03 2.82
N CYS A 83 9.48 15.16 3.66
CA CYS A 83 9.82 14.08 4.60
C CYS A 83 8.63 13.85 5.57
N VAL A 84 8.09 14.92 6.17
CA VAL A 84 6.98 14.75 7.08
C VAL A 84 5.79 14.13 6.35
N GLY A 85 5.52 14.61 5.14
CA GLY A 85 4.38 14.04 4.39
C GLY A 85 4.70 12.60 4.03
N GLY A 86 5.94 12.26 3.75
CA GLY A 86 6.27 10.82 3.45
C GLY A 86 6.08 9.97 4.72
N TRP A 87 6.46 10.50 5.88
CA TRP A 87 6.14 9.80 7.10
C TRP A 87 4.68 9.65 7.39
N MET A 88 3.85 10.62 7.07
CA MET A 88 2.47 10.47 7.21
C MET A 88 2.03 9.21 6.41
N ILE A 89 2.56 8.99 5.25
CA ILE A 89 2.13 7.84 4.41
C ILE A 89 2.69 6.52 5.05
N GLU A 90 3.88 6.56 5.56
CA GLU A 90 4.49 5.35 6.18
C GLU A 90 3.67 5.02 7.41
N PHE A 91 3.28 5.99 8.20
CA PHE A 91 2.40 5.70 9.38
C PHE A 91 1.01 5.21 9.01
N LEU A 92 0.49 5.71 7.88
CA LEU A 92 -0.76 5.16 7.34
C LEU A 92 -0.55 3.69 6.93
N GLN A 93 0.59 3.39 6.30
CA GLN A 93 0.90 2.00 5.97
C GLN A 93 1.00 1.18 7.29
N ALA A 94 1.59 1.75 8.33
CA ALA A 94 1.69 1.03 9.61
C ALA A 94 0.31 0.64 10.09
N HIS A 95 -0.57 1.64 10.15
CA HIS A 95 -1.95 1.46 10.58
C HIS A 95 -2.62 0.33 9.87
N TYR A 96 -2.60 0.33 8.55
N TYR A 96 -2.53 0.32 8.55
CA TYR A 96 -3.29 -0.72 7.81
CA TYR A 96 -3.12 -0.74 7.75
C TYR A 96 -2.62 -2.09 7.98
C TYR A 96 -2.59 -2.08 8.13
N LEU A 97 -1.29 -2.15 8.09
CA LEU A 97 -0.64 -3.43 8.35
C LEU A 97 -1.01 -4.01 9.70
N VAL A 98 -0.94 -3.18 10.74
CA VAL A 98 -1.31 -3.62 12.07
C VAL A 98 -2.75 -4.21 12.11
N GLU A 99 -3.72 -3.47 11.58
CA GLU A 99 -5.06 -3.85 11.66
C GLU A 99 -5.31 -5.08 10.71
N ASP A 100 -4.76 -5.07 9.53
CA ASP A 100 -4.92 -6.14 8.53
C ASP A 100 -4.33 -7.44 9.06
N ASP A 101 -3.20 -7.34 9.76
CA ASP A 101 -2.60 -8.52 10.34
C ASP A 101 -3.55 -9.15 11.37
N ILE A 102 -4.19 -8.31 12.17
CA ILE A 102 -5.12 -8.73 13.19
C ILE A 102 -6.33 -9.36 12.51
N MET A 103 -6.83 -8.68 11.51
CA MET A 103 -8.02 -9.08 10.81
C MET A 103 -7.80 -10.44 10.18
N ASP A 104 -6.64 -10.69 9.61
CA ASP A 104 -6.42 -11.88 8.76
C ASP A 104 -5.76 -12.94 9.59
N GLY A 105 -5.45 -12.74 10.87
CA GLY A 105 -4.74 -13.76 11.64
C GLY A 105 -3.33 -14.03 11.16
N SER A 106 -2.65 -13.02 10.65
CA SER A 106 -1.28 -13.20 10.21
C SER A 106 -0.38 -13.52 11.38
N VAL A 107 0.70 -14.26 11.14
CA VAL A 107 1.70 -14.62 12.08
C VAL A 107 2.99 -13.80 12.02
N MET A 108 3.56 -13.57 10.84
CA MET A 108 4.84 -12.87 10.77
C MET A 108 4.81 -11.66 9.85
N ARG A 109 5.59 -10.65 10.20
CA ARG A 109 5.88 -9.54 9.27
C ARG A 109 7.27 -8.97 9.50
N ARG A 110 8.13 -9.09 8.48
CA ARG A 110 9.49 -8.50 8.48
C ARG A 110 10.44 -9.09 9.53
N GLY A 111 10.56 -10.42 9.52
CA GLY A 111 11.44 -11.14 10.45
C GLY A 111 11.06 -11.02 11.92
N LYS A 112 9.76 -10.78 12.17
CA LYS A 112 9.25 -10.45 13.50
C LYS A 112 7.80 -10.93 13.66
N PRO A 113 7.35 -11.19 14.91
CA PRO A 113 5.91 -11.46 15.10
C PRO A 113 5.11 -10.23 14.67
N CYS A 114 3.94 -10.46 14.06
CA CYS A 114 3.02 -9.35 13.83
C CYS A 114 2.78 -8.68 15.17
N TRP A 115 2.71 -7.34 15.15
CA TRP A 115 2.67 -6.59 16.37
C TRP A 115 1.69 -7.18 17.38
N TYR A 116 0.50 -7.56 16.97
CA TYR A 116 -0.50 -8.04 17.93
C TYR A 116 -0.01 -9.30 18.70
N ARG A 117 0.91 -10.03 18.05
CA ARG A 117 1.40 -11.32 18.64
C ARG A 117 2.53 -11.12 19.60
N PHE A 118 3.07 -9.89 19.73
CA PHE A 118 4.05 -9.65 20.77
C PHE A 118 3.48 -9.95 22.17
N PRO A 119 4.29 -10.55 23.09
CA PRO A 119 3.72 -11.06 24.30
C PRO A 119 2.99 -10.00 25.17
N GLY A 120 3.59 -8.80 25.24
CA GLY A 120 3.06 -7.71 26.03
C GLY A 120 2.18 -6.73 25.26
N VAL A 121 1.74 -7.16 24.09
CA VAL A 121 0.82 -6.37 23.21
C VAL A 121 -0.61 -6.90 23.34
N THR A 122 -0.88 -8.03 22.71
CA THR A 122 -2.22 -8.61 22.64
C THR A 122 -3.08 -7.84 21.64
N THR A 123 -4.16 -8.49 21.17
CA THR A 123 -5.13 -7.85 20.27
C THR A 123 -5.84 -6.72 20.94
N GLN A 124 -6.09 -6.87 22.23
CA GLN A 124 -6.80 -5.85 22.98
C GLN A 124 -6.06 -4.53 22.88
N CYS A 125 -4.77 -4.52 22.91
CA CYS A 125 -4.02 -3.28 22.80
C CYS A 125 -3.72 -2.99 21.32
N ALA A 126 -3.35 -3.98 20.49
CA ALA A 126 -2.92 -3.68 19.17
C ALA A 126 -3.96 -3.02 18.28
N ILE A 127 -5.24 -3.34 18.44
CA ILE A 127 -6.25 -2.66 17.65
C ILE A 127 -6.11 -1.15 17.91
N ASN A 128 -5.97 -0.80 19.19
CA ASN A 128 -5.96 0.64 19.58
C ASN A 128 -4.64 1.23 19.14
N ASP A 129 -3.53 0.45 19.19
CA ASP A 129 -2.28 0.94 18.74
C ASP A 129 -2.35 1.32 17.24
N GLY A 130 -3.05 0.52 16.43
CA GLY A 130 -3.21 0.80 15.02
C GLY A 130 -4.03 2.08 14.84
N ILE A 131 -5.00 2.27 15.70
CA ILE A 131 -5.79 3.53 15.70
C ILE A 131 -4.86 4.75 15.92
N ILE A 132 -4.05 4.64 16.97
CA ILE A 132 -3.06 5.64 17.26
C ILE A 132 -2.14 5.94 16.12
N LEU A 133 -1.66 4.92 15.43
CA LEU A 133 -0.80 5.11 14.24
C LEU A 133 -1.40 6.08 13.24
N LYS A 134 -2.70 5.91 12.97
CA LYS A 134 -3.35 6.77 11.99
C LYS A 134 -3.58 8.11 12.64
N SER A 135 -3.96 8.19 13.90
CA SER A 135 -4.16 9.55 14.56
C SER A 135 -2.86 10.32 14.50
N TRP A 136 -1.70 9.66 14.66
CA TRP A 136 -0.41 10.35 14.56
C TRP A 136 -0.23 11.10 13.21
N THR A 137 -0.75 10.52 12.11
CA THR A 137 -0.60 11.17 10.78
C THR A 137 -1.23 12.49 10.87
N GLN A 138 -2.39 12.57 11.52
CA GLN A 138 -3.10 13.86 11.61
C GLN A 138 -2.37 14.87 12.49
N ILE A 139 -1.85 14.36 13.62
CA ILE A 139 -1.13 15.22 14.54
C ILE A 139 0.03 15.81 13.77
N MET A 140 0.79 15.03 13.00
CA MET A 140 1.92 15.51 12.22
C MET A 140 1.48 16.60 11.27
N ALA A 141 0.42 16.37 10.54
CA ALA A 141 -0.02 17.35 9.53
C ALA A 141 -0.41 18.72 10.18
N TRP A 142 -1.20 18.65 11.20
CA TRP A 142 -1.68 19.88 11.88
C TRP A 142 -0.53 20.59 12.52
N HIS A 143 0.43 19.87 13.07
CA HIS A 143 1.58 20.57 13.71
C HIS A 143 2.50 21.11 12.58
N TYR A 144 3.04 20.30 11.66
CA TYR A 144 4.12 20.71 10.78
C TYR A 144 3.51 21.60 9.68
N PHE A 145 2.26 21.41 9.30
CA PHE A 145 1.69 22.13 8.17
C PHE A 145 0.68 23.18 8.51
N ALA A 146 0.62 23.57 9.81
CA ALA A 146 -0.31 24.57 10.29
C ALA A 146 -0.48 25.82 9.44
N ASP A 147 0.59 26.38 9.02
CA ASP A 147 0.47 27.64 8.28
C ASP A 147 0.69 27.45 6.77
N ARG A 148 0.69 26.22 6.28
CA ARG A 148 0.97 26.00 4.91
C ARG A 148 -0.25 26.18 4.04
N PRO A 149 -0.07 26.71 2.79
CA PRO A 149 -1.16 26.91 1.94
C PRO A 149 -1.81 25.60 1.48
N PHE A 150 -1.04 24.52 1.50
CA PHE A 150 -1.52 23.22 1.03
C PHE A 150 -2.14 22.41 2.14
N LEU A 151 -2.28 22.93 3.34
CA LEU A 151 -2.85 22.12 4.46
C LEU A 151 -4.17 21.51 4.11
N LYS A 152 -5.12 22.33 3.68
CA LYS A 152 -6.44 21.85 3.36
C LYS A 152 -6.44 20.74 2.29
N ASP A 153 -5.82 21.04 1.16
CA ASP A 153 -5.76 20.11 0.05
C ASP A 153 -5.11 18.79 0.53
N LEU A 154 -4.04 18.89 1.29
CA LEU A 154 -3.34 17.69 1.80
C LEU A 154 -4.24 16.89 2.71
N LEU A 155 -4.88 17.53 3.67
CA LEU A 155 -5.73 16.77 4.60
C LEU A 155 -6.91 16.12 3.83
N CYS A 156 -7.52 16.86 2.89
CA CYS A 156 -8.63 16.35 2.06
C CYS A 156 -8.21 15.13 1.24
N LEU A 157 -7.11 15.24 0.57
CA LEU A 157 -6.52 14.13 -0.22
C LEU A 157 -6.25 12.91 0.71
N PHE A 158 -5.63 13.17 1.87
CA PHE A 158 -5.26 12.08 2.77
C PHE A 158 -6.52 11.34 3.19
N GLN A 159 -7.52 12.10 3.56
N GLN A 159 -7.58 12.06 3.56
CA GLN A 159 -8.81 11.65 3.95
CA GLN A 159 -8.85 11.46 3.98
C GLN A 159 -9.52 10.76 2.92
C GLN A 159 -9.42 10.60 2.87
N LYS A 160 -9.43 11.16 1.66
CA LYS A 160 -10.06 10.48 0.55
C LYS A 160 -9.29 9.20 0.25
N VAL A 161 -7.95 9.23 0.33
CA VAL A 161 -7.11 8.08 0.12
C VAL A 161 -7.36 7.03 1.20
N ASP A 162 -7.38 7.46 2.45
CA ASP A 162 -7.71 6.57 3.57
C ASP A 162 -9.04 5.88 3.44
N TYR A 163 -10.07 6.63 3.14
CA TYR A 163 -11.34 6.04 2.85
C TYR A 163 -11.40 5.04 1.71
N ALA A 164 -10.75 5.37 0.61
CA ALA A 164 -10.59 4.42 -0.58
C ALA A 164 -9.96 3.11 -0.08
N THR A 165 -8.97 3.24 0.76
CA THR A 165 -8.20 2.11 1.21
C THR A 165 -9.07 1.21 2.07
N ALA A 166 -9.83 1.79 2.98
CA ALA A 166 -10.76 1.01 3.86
C ALA A 166 -11.82 0.30 2.98
N VAL A 167 -12.35 1.03 2.00
CA VAL A 167 -13.30 0.43 1.05
C VAL A 167 -12.65 -0.74 0.34
N GLY A 168 -11.39 -0.58 -0.07
CA GLY A 168 -10.67 -1.63 -0.68
C GLY A 168 -10.48 -2.84 0.18
N GLN A 169 -10.23 -2.65 1.47
CA GLN A 169 -10.11 -3.79 2.39
C GLN A 169 -11.41 -4.51 2.44
N MET A 170 -12.50 -3.83 2.47
CA MET A 170 -13.80 -4.53 2.42
C MET A 170 -13.94 -5.34 1.13
N TYR A 171 -13.58 -4.75 0.01
CA TYR A 171 -13.63 -5.53 -1.27
C TYR A 171 -12.71 -6.74 -1.20
N ASP A 172 -11.54 -6.63 -0.57
CA ASP A 172 -10.64 -7.73 -0.50
C ASP A 172 -11.18 -8.89 0.39
N VAL A 173 -11.66 -8.54 1.57
CA VAL A 173 -12.05 -9.56 2.55
C VAL A 173 -13.37 -10.23 2.19
N THR A 174 -14.13 -9.61 1.37
CA THR A 174 -15.36 -10.20 0.82
C THR A 174 -15.18 -10.79 -0.57
N SER A 175 -13.98 -10.96 -1.10
CA SER A 175 -13.84 -11.30 -2.53
C SER A 175 -14.03 -12.82 -2.81
N MET A 176 -14.21 -13.61 -1.76
CA MET A 176 -14.44 -15.05 -1.95
C MET A 176 -15.91 -15.39 -1.66
N CYS A 177 -16.75 -14.40 -1.42
CA CYS A 177 -18.15 -14.65 -1.18
C CYS A 177 -18.88 -14.30 -2.45
N ASP A 178 -20.09 -14.85 -2.61
CA ASP A 178 -20.95 -14.30 -3.66
C ASP A 178 -21.65 -13.03 -3.22
N SER A 179 -21.57 -11.98 -4.05
CA SER A 179 -22.17 -10.70 -3.68
C SER A 179 -23.60 -10.77 -3.24
N ASN A 180 -24.39 -11.60 -3.93
CA ASN A 180 -25.82 -11.66 -3.65
C ASN A 180 -26.11 -12.31 -2.30
N LYS A 181 -25.12 -12.97 -1.66
CA LYS A 181 -25.31 -13.60 -0.41
C LYS A 181 -24.71 -12.84 0.78
N LEU A 182 -24.02 -11.70 0.57
CA LEU A 182 -23.51 -10.87 1.67
C LEU A 182 -24.66 -10.42 2.49
N ASP A 183 -24.56 -10.61 3.79
CA ASP A 183 -25.70 -10.34 4.69
C ASP A 183 -25.15 -10.47 6.11
N PRO A 184 -25.09 -9.38 6.87
CA PRO A 184 -24.59 -9.39 8.24
C PRO A 184 -25.21 -10.46 9.11
N GLU A 185 -26.44 -10.83 8.79
CA GLU A 185 -27.14 -11.83 9.56
C GLU A 185 -26.80 -13.25 9.32
N VAL A 186 -26.06 -13.55 8.25
CA VAL A 186 -25.94 -14.96 7.74
C VAL A 186 -24.47 -15.23 7.54
N ALA A 187 -23.92 -16.27 8.19
CA ALA A 187 -22.51 -16.55 8.03
C ALA A 187 -22.15 -16.82 6.56
N GLN A 188 -21.02 -16.29 6.15
CA GLN A 188 -20.74 -16.21 4.72
C GLN A 188 -20.05 -17.46 4.17
N PRO A 189 -20.76 -18.19 3.22
CA PRO A 189 -20.12 -19.31 2.58
C PRO A 189 -19.16 -18.82 1.43
N MET A 190 -18.09 -19.49 1.25
CA MET A 190 -17.24 -19.34 0.10
C MET A 190 -18.05 -19.55 -1.17
N THR A 191 -17.72 -18.82 -2.22
CA THR A 191 -18.35 -19.05 -3.53
C THR A 191 -18.08 -20.52 -3.91
N THR A 192 -19.06 -21.12 -4.62
CA THR A 192 -18.82 -22.39 -5.35
C THR A 192 -18.66 -22.16 -6.85
N ASP A 193 -19.27 -21.11 -7.42
CA ASP A 193 -19.13 -20.86 -8.89
C ASP A 193 -17.91 -20.08 -9.33
N PHE A 194 -17.24 -19.35 -8.41
CA PHE A 194 -16.17 -18.49 -8.80
C PHE A 194 -16.48 -17.49 -9.91
N ALA A 195 -17.75 -17.14 -10.09
CA ALA A 195 -18.18 -16.23 -11.16
C ALA A 195 -17.67 -14.81 -10.97
N GLU A 196 -17.40 -14.45 -9.73
CA GLU A 196 -16.83 -13.09 -9.49
C GLU A 196 -15.35 -13.02 -9.46
N PHE A 197 -14.65 -14.07 -9.87
CA PHE A 197 -13.21 -14.07 -10.02
C PHE A 197 -12.90 -13.57 -11.44
N THR A 198 -13.22 -12.32 -11.71
CA THR A 198 -12.99 -11.73 -13.07
C THR A 198 -11.93 -10.63 -13.06
N PRO A 199 -11.41 -10.25 -14.24
CA PRO A 199 -10.38 -9.22 -14.28
C PRO A 199 -10.96 -7.91 -13.73
N ALA A 200 -12.20 -7.59 -14.05
CA ALA A 200 -12.79 -6.34 -13.55
C ALA A 200 -12.99 -6.28 -12.04
N ILE A 201 -13.41 -7.38 -11.43
CA ILE A 201 -13.57 -7.41 -9.99
C ILE A 201 -12.21 -7.39 -9.31
N TYR A 202 -11.27 -8.12 -9.85
CA TYR A 202 -9.91 -8.12 -9.34
C TYR A 202 -9.36 -6.68 -9.37
N LYS A 203 -9.50 -6.03 -10.53
CA LYS A 203 -9.03 -4.65 -10.69
C LYS A 203 -9.61 -3.77 -9.58
N ARG A 204 -10.94 -3.84 -9.37
CA ARG A 204 -11.65 -3.01 -8.34
C ARG A 204 -11.01 -3.29 -6.99
N ILE A 205 -10.77 -4.55 -6.58
CA ILE A 205 -10.09 -4.78 -5.30
C ILE A 205 -8.77 -4.01 -5.19
N VAL A 206 -7.87 -4.25 -6.16
CA VAL A 206 -6.52 -3.76 -6.09
C VAL A 206 -6.49 -2.25 -6.17
N LYS A 207 -7.34 -1.68 -7.00
CA LYS A 207 -7.35 -0.24 -7.22
C LYS A 207 -7.60 0.43 -5.85
N TYR A 208 -8.63 -0.02 -5.12
CA TYR A 208 -8.99 0.56 -3.79
C TYR A 208 -8.07 0.15 -2.69
N LYS A 209 -7.71 -1.09 -2.63
CA LYS A 209 -6.98 -1.55 -1.49
C LYS A 209 -5.54 -1.12 -1.37
N THR A 210 -4.89 -0.86 -2.52
CA THR A 210 -3.49 -0.63 -2.54
C THR A 210 -3.09 0.67 -3.29
N THR A 211 -3.73 0.93 -4.42
CA THR A 211 -3.17 1.92 -5.35
C THR A 211 -3.31 3.35 -4.89
N PHE A 212 -4.40 3.67 -4.19
CA PHE A 212 -4.56 5.05 -3.72
C PHE A 212 -3.45 5.36 -2.75
N TYR A 213 -3.13 4.52 -1.75
CA TYR A 213 -2.18 4.91 -0.74
C TYR A 213 -0.73 4.67 -1.12
N THR A 214 -0.52 3.73 -2.08
CA THR A 214 0.83 3.33 -2.38
C THR A 214 1.40 4.19 -3.54
N TYR A 215 0.59 4.52 -4.48
CA TYR A 215 1.02 5.35 -5.66
C TYR A 215 0.40 6.71 -5.81
N LEU A 216 -0.93 6.86 -5.68
CA LEU A 216 -1.54 8.12 -5.89
C LEU A 216 -1.11 9.10 -4.78
N LEU A 217 -1.23 8.69 -3.54
CA LEU A 217 -0.92 9.58 -2.39
C LEU A 217 0.50 10.12 -2.38
N PRO A 218 1.53 9.29 -2.58
CA PRO A 218 2.90 9.82 -2.55
C PRO A 218 3.17 10.82 -3.71
N LEU A 219 2.58 10.51 -4.86
CA LEU A 219 2.72 11.38 -6.02
C LEU A 219 2.07 12.73 -5.83
N VAL A 220 0.82 12.74 -5.41
CA VAL A 220 0.08 14.00 -5.22
C VAL A 220 0.60 14.74 -4.00
N MET A 221 1.01 14.02 -2.93
CA MET A 221 1.61 14.73 -1.79
C MET A 221 2.91 15.46 -2.21
N GLY A 222 3.68 14.83 -3.09
CA GLY A 222 4.94 15.46 -3.57
C GLY A 222 4.58 16.72 -4.37
N LEU A 223 3.49 16.63 -5.17
CA LEU A 223 3.06 17.85 -5.84
C LEU A 223 2.63 18.91 -4.88
N LEU A 224 1.89 18.57 -3.82
CA LEU A 224 1.28 19.57 -2.97
C LEU A 224 2.33 20.25 -2.17
N VAL A 225 3.31 19.53 -1.64
CA VAL A 225 4.34 20.20 -0.83
C VAL A 225 5.28 21.03 -1.70
N SER A 226 5.30 20.75 -2.97
CA SER A 226 6.06 21.53 -3.95
C SER A 226 5.20 22.71 -4.48
N GLU A 227 3.94 22.88 -4.11
CA GLU A 227 2.94 23.86 -4.70
C GLU A 227 2.94 23.79 -6.23
N ALA A 228 2.87 22.56 -6.73
CA ALA A 228 3.04 22.27 -8.12
C ALA A 228 1.87 21.52 -8.68
N ALA A 229 0.74 21.42 -7.99
CA ALA A 229 -0.38 20.62 -8.51
C ALA A 229 -0.96 21.17 -9.83
N ALA A 230 -0.71 22.43 -10.16
CA ALA A 230 -1.00 22.92 -11.57
C ALA A 230 0.09 22.68 -12.67
N SER A 231 1.23 22.13 -12.34
CA SER A 231 2.12 21.52 -13.34
C SER A 231 1.56 20.23 -14.02
N VAL A 232 0.39 19.71 -13.54
CA VAL A 232 -0.02 18.38 -13.99
C VAL A 232 -1.50 18.28 -14.28
N GLU A 233 -1.83 17.32 -15.11
CA GLU A 233 -3.18 16.97 -15.41
C GLU A 233 -3.55 15.84 -14.45
N MET A 234 -4.29 16.18 -13.39
CA MET A 234 -4.54 15.20 -12.35
C MET A 234 -5.20 13.89 -12.87
N ASN A 235 -6.01 13.97 -13.92
CA ASN A 235 -6.64 12.69 -14.44
C ASN A 235 -5.54 11.77 -14.93
N LEU A 236 -4.46 12.34 -15.50
CA LEU A 236 -3.31 11.53 -15.85
C LEU A 236 -2.59 10.94 -14.68
N VAL A 237 -2.47 11.71 -13.60
CA VAL A 237 -1.80 11.21 -12.41
C VAL A 237 -2.59 10.05 -11.80
N GLU A 238 -3.90 10.17 -11.80
CA GLU A 238 -4.73 9.09 -11.34
C GLU A 238 -4.62 7.86 -12.17
N ARG A 239 -4.67 8.05 -13.51
CA ARG A 239 -4.57 6.87 -14.40
C ARG A 239 -3.27 6.16 -14.25
N VAL A 240 -2.15 6.90 -14.18
CA VAL A 240 -0.91 6.22 -14.11
C VAL A 240 -0.66 5.55 -12.73
N ALA A 241 -1.14 6.21 -11.70
CA ALA A 241 -1.02 5.62 -10.34
C ALA A 241 -1.79 4.32 -10.22
N HIS A 242 -2.98 4.30 -10.73
CA HIS A 242 -3.83 3.14 -10.58
C HIS A 242 -3.21 2.00 -11.41
N LEU A 243 -2.70 2.30 -12.61
CA LEU A 243 -2.12 1.28 -13.44
C LEU A 243 -0.84 0.72 -12.91
N ILE A 244 0.08 1.57 -12.44
CA ILE A 244 1.29 1.05 -11.85
C ILE A 244 0.99 0.26 -10.61
N GLY A 245 0.07 0.77 -9.80
CA GLY A 245 -0.35 0.09 -8.60
C GLY A 245 -0.93 -1.28 -8.85
N GLU A 246 -1.72 -1.42 -9.90
CA GLU A 246 -2.28 -2.73 -10.21
C GLU A 246 -1.19 -3.71 -10.62
N TYR A 247 -0.25 -3.22 -11.42
CA TYR A 247 0.88 -4.02 -11.87
C TYR A 247 1.72 -4.48 -10.69
N PHE A 248 1.97 -3.57 -9.73
CA PHE A 248 2.65 -3.93 -8.47
C PHE A 248 1.94 -5.11 -7.80
N GLN A 249 0.64 -4.98 -7.61
CA GLN A 249 -0.14 -5.98 -6.89
C GLN A 249 -0.26 -7.33 -7.60
N VAL A 250 -0.19 -7.33 -8.94
CA VAL A 250 -0.10 -8.53 -9.74
C VAL A 250 1.25 -9.24 -9.51
N GLN A 251 2.38 -8.56 -9.50
CA GLN A 251 3.65 -9.18 -8.91
C GLN A 251 3.53 -9.74 -7.45
N ASP A 252 3.00 -8.96 -6.51
CA ASP A 252 2.68 -9.40 -5.10
C ASP A 252 1.86 -10.71 -5.09
N ASP A 253 0.76 -10.71 -5.85
CA ASP A 253 -0.08 -11.90 -5.96
C ASP A 253 0.70 -13.05 -6.46
N VAL A 254 1.50 -12.81 -7.48
CA VAL A 254 2.30 -13.90 -8.01
C VAL A 254 3.32 -14.38 -6.95
N MET A 255 3.94 -13.43 -6.24
CA MET A 255 4.91 -13.79 -5.16
C MET A 255 4.30 -14.48 -3.90
N ASP A 256 3.04 -14.17 -3.57
CA ASP A 256 2.37 -14.77 -2.39
C ASP A 256 2.34 -16.32 -2.53
N CYS A 257 2.02 -16.75 -3.76
CA CYS A 257 2.12 -18.18 -4.15
C CYS A 257 3.56 -18.74 -4.37
N PHE A 258 4.42 -18.06 -5.17
CA PHE A 258 5.67 -18.67 -5.72
C PHE A 258 7.05 -18.34 -5.06
N THR A 259 7.15 -17.24 -4.31
CA THR A 259 8.38 -16.88 -3.58
C THR A 259 8.49 -17.72 -2.31
N PRO A 260 9.60 -18.48 -2.12
CA PRO A 260 9.81 -19.24 -0.86
C PRO A 260 9.53 -18.43 0.44
N PRO A 261 9.06 -19.10 1.53
CA PRO A 261 8.59 -18.34 2.74
C PRO A 261 9.60 -17.35 3.41
N GLU A 262 10.81 -17.81 3.76
CA GLU A 262 11.88 -16.93 4.29
C GLU A 262 12.30 -15.83 3.30
N GLN A 263 12.37 -16.21 2.01
CA GLN A 263 12.63 -15.29 0.87
C GLN A 263 11.55 -14.19 0.72
N LEU A 264 10.32 -14.50 1.13
CA LEU A 264 9.16 -13.57 1.13
C LEU A 264 8.85 -12.91 2.50
N GLY A 265 9.31 -13.50 3.61
CA GLY A 265 9.13 -12.92 4.98
C GLY A 265 7.83 -13.30 5.72
N LYS A 266 7.00 -14.11 5.08
CA LYS A 266 5.66 -14.46 5.56
C LYS A 266 5.19 -15.65 4.69
N VAL A 267 4.81 -16.77 5.31
CA VAL A 267 4.21 -17.93 4.60
C VAL A 267 2.91 -17.46 3.90
N GLY A 268 2.87 -17.55 2.56
CA GLY A 268 1.70 -17.14 1.78
C GLY A 268 0.48 -18.02 2.03
N THR A 269 -0.70 -17.40 2.13
CA THR A 269 -1.96 -18.09 2.31
C THR A 269 -3.12 -17.68 1.29
N ASP A 270 -2.81 -17.07 0.12
CA ASP A 270 -3.88 -16.60 -0.81
C ASP A 270 -4.86 -17.74 -1.27
N ILE A 271 -4.27 -18.88 -1.60
CA ILE A 271 -5.02 -20.05 -2.00
C ILE A 271 -5.99 -20.51 -0.90
N GLU A 272 -5.42 -20.73 0.29
CA GLU A 272 -6.15 -21.31 1.40
C GLU A 272 -7.13 -20.25 1.87
N ASP A 273 -6.79 -18.98 1.72
CA ASP A 273 -7.80 -17.95 2.02
C ASP A 273 -8.85 -17.71 0.93
N ALA A 274 -8.74 -18.47 -0.18
CA ALA A 274 -9.61 -18.28 -1.36
C ALA A 274 -9.57 -16.88 -1.86
N LYS A 275 -8.39 -16.26 -1.86
CA LYS A 275 -8.37 -14.88 -2.33
C LYS A 275 -8.61 -14.84 -3.84
N CYS A 276 -9.25 -13.76 -4.26
CA CYS A 276 -9.34 -13.41 -5.66
C CYS A 276 -7.97 -12.80 -6.04
N SER A 277 -7.03 -13.67 -6.33
CA SER A 277 -5.73 -13.31 -6.81
C SER A 277 -5.65 -13.33 -8.36
N TRP A 278 -4.64 -12.67 -8.90
CA TRP A 278 -4.39 -12.62 -10.31
C TRP A 278 -4.24 -14.04 -10.92
N LEU A 279 -3.59 -14.93 -10.15
CA LEU A 279 -3.39 -16.30 -10.61
C LEU A 279 -4.74 -17.00 -10.74
N ALA A 280 -5.59 -16.91 -9.71
CA ALA A 280 -6.89 -17.58 -9.82
C ALA A 280 -7.74 -17.01 -11.01
N VAL A 281 -7.82 -15.67 -11.14
CA VAL A 281 -8.62 -15.07 -12.12
C VAL A 281 -8.13 -15.47 -13.48
N THR A 282 -6.82 -15.43 -13.64
CA THR A 282 -6.20 -15.65 -14.94
C THR A 282 -6.29 -17.15 -15.35
N PHE A 283 -6.06 -18.03 -14.40
CA PHE A 283 -6.32 -19.46 -14.56
C PHE A 283 -7.74 -19.75 -14.99
N LEU A 284 -8.71 -19.09 -14.34
CA LEU A 284 -10.13 -19.33 -14.71
C LEU A 284 -10.47 -18.79 -16.06
N GLY A 285 -9.67 -17.80 -16.50
CA GLY A 285 -9.82 -17.24 -17.79
C GLY A 285 -9.29 -18.09 -18.92
N LYS A 286 -8.65 -19.21 -18.62
CA LYS A 286 -8.11 -20.00 -19.73
C LYS A 286 -8.29 -21.50 -19.56
N ALA A 287 -8.74 -21.93 -18.41
CA ALA A 287 -8.88 -23.39 -18.07
C ALA A 287 -9.97 -24.02 -18.90
N ASN A 288 -9.82 -25.34 -19.14
CA ASN A 288 -10.87 -26.10 -19.69
C ASN A 288 -11.82 -26.55 -18.62
N ALA A 289 -12.88 -27.23 -19.05
CA ALA A 289 -13.93 -27.62 -18.15
C ALA A 289 -13.39 -28.49 -16.99
N ALA A 290 -12.53 -29.46 -17.31
CA ALA A 290 -12.14 -30.41 -16.32
C ALA A 290 -11.25 -29.73 -15.27
N GLN A 291 -10.37 -28.85 -15.75
CA GLN A 291 -9.54 -28.01 -14.93
C GLN A 291 -10.34 -27.05 -13.97
N VAL A 292 -11.42 -26.44 -14.48
CA VAL A 292 -12.26 -25.57 -13.64
C VAL A 292 -12.82 -26.42 -12.50
N ALA A 293 -13.30 -27.62 -12.84
CA ALA A 293 -13.92 -28.48 -11.82
C ALA A 293 -12.88 -28.92 -10.79
N GLU A 294 -11.68 -29.17 -11.25
CA GLU A 294 -10.57 -29.53 -10.36
C GLU A 294 -10.20 -28.36 -9.45
N PHE A 295 -10.24 -27.12 -9.97
CA PHE A 295 -9.97 -25.96 -9.17
C PHE A 295 -11.01 -25.84 -8.08
N LYS A 296 -12.28 -26.02 -8.45
CA LYS A 296 -13.40 -25.82 -7.50
C LYS A 296 -13.23 -26.82 -6.32
N ALA A 297 -12.83 -28.03 -6.63
CA ALA A 297 -12.66 -29.11 -5.65
C ALA A 297 -11.51 -28.86 -4.68
N ASN A 298 -10.55 -27.98 -5.01
CA ASN A 298 -9.38 -27.74 -4.15
C ASN A 298 -9.11 -26.34 -3.55
N TYR A 299 -9.72 -25.31 -4.14
CA TYR A 299 -9.42 -23.95 -3.71
C TYR A 299 -10.05 -23.59 -2.37
N GLY A 300 -9.37 -22.75 -1.61
CA GLY A 300 -9.88 -22.16 -0.41
C GLY A 300 -9.86 -23.14 0.77
N GLU A 301 -9.03 -24.19 0.68
CA GLU A 301 -8.88 -25.22 1.73
C GLU A 301 -7.48 -25.14 2.32
N LYS A 302 -7.43 -25.14 3.64
CA LYS A 302 -6.18 -25.18 4.41
C LYS A 302 -5.37 -26.49 4.19
N ASP A 303 -6.07 -27.60 3.90
CA ASP A 303 -5.42 -28.87 3.51
C ASP A 303 -4.28 -28.70 2.49
N PRO A 304 -3.00 -28.90 2.92
CA PRO A 304 -1.88 -28.66 2.01
C PRO A 304 -1.88 -29.45 0.74
N ALA A 305 -2.43 -30.67 0.75
CA ALA A 305 -2.46 -31.49 -0.48
C ALA A 305 -3.35 -30.86 -1.56
N LYS A 306 -4.45 -30.23 -1.15
CA LYS A 306 -5.35 -29.49 -2.08
C LYS A 306 -4.73 -28.16 -2.50
N VAL A 307 -3.99 -27.52 -1.60
CA VAL A 307 -3.20 -26.34 -1.95
C VAL A 307 -2.20 -26.70 -3.02
N ALA A 308 -1.62 -27.88 -2.91
CA ALA A 308 -0.63 -28.33 -3.87
C ALA A 308 -1.23 -28.61 -5.25
N VAL A 309 -2.51 -29.05 -5.26
CA VAL A 309 -3.27 -29.31 -6.52
C VAL A 309 -3.52 -28.00 -7.31
N VAL A 310 -3.98 -27.00 -6.57
CA VAL A 310 -4.19 -25.68 -7.12
C VAL A 310 -2.84 -25.19 -7.67
N LYS A 311 -1.80 -25.25 -6.83
CA LYS A 311 -0.41 -24.91 -7.25
C LYS A 311 0.01 -25.63 -8.56
N ARG A 312 -0.40 -26.88 -8.71
CA ARG A 312 -0.11 -27.65 -9.92
C ARG A 312 -0.90 -27.18 -11.13
N LEU A 313 -2.20 -26.92 -10.94
CA LEU A 313 -3.01 -26.48 -12.07
C LEU A 313 -2.42 -25.17 -12.59
N TYR A 314 -1.93 -24.32 -11.67
CA TYR A 314 -1.37 -22.99 -12.09
C TYR A 314 -0.13 -23.21 -12.95
N SER A 315 0.78 -24.11 -12.54
CA SER A 315 1.91 -24.53 -13.42
C SER A 315 1.48 -25.14 -14.75
N LYS A 316 0.65 -26.18 -14.78
CA LYS A 316 0.13 -26.67 -16.09
C LYS A 316 -0.42 -25.57 -17.00
N ALA A 317 -0.97 -24.49 -16.44
CA ALA A 317 -1.71 -23.52 -17.24
C ALA A 317 -0.85 -22.40 -17.87
N ASN A 318 0.45 -22.39 -17.57
CA ASN A 318 1.45 -21.52 -18.23
C ASN A 318 1.04 -20.04 -18.03
N LEU A 319 0.80 -19.77 -16.76
CA LEU A 319 0.39 -18.43 -16.28
C LEU A 319 1.51 -17.44 -16.55
N GLN A 320 2.75 -17.90 -16.72
CA GLN A 320 3.85 -16.98 -17.07
C GLN A 320 3.68 -16.32 -18.36
N ALA A 321 3.01 -16.98 -19.29
CA ALA A 321 2.69 -16.41 -20.59
C ALA A 321 1.72 -15.25 -20.44
N ASP A 322 0.69 -15.47 -19.64
CA ASP A 322 -0.25 -14.40 -19.43
C ASP A 322 0.42 -13.27 -18.67
N PHE A 323 1.34 -13.55 -17.73
CA PHE A 323 1.97 -12.48 -16.95
C PHE A 323 2.81 -11.65 -17.92
N ALA A 324 3.56 -12.31 -18.80
CA ALA A 324 4.41 -11.55 -19.72
C ALA A 324 3.63 -10.71 -20.62
N ALA A 325 2.48 -11.17 -21.09
CA ALA A 325 1.63 -10.44 -21.99
C ALA A 325 1.02 -9.23 -21.23
N TYR A 326 0.54 -9.48 -19.99
CA TYR A 326 0.04 -8.36 -19.17
C TYR A 326 1.12 -7.29 -18.97
N GLU A 327 2.33 -7.75 -18.66
CA GLU A 327 3.42 -6.86 -18.37
C GLU A 327 3.75 -6.01 -19.56
N ALA A 328 3.78 -6.61 -20.73
CA ALA A 328 3.99 -5.87 -21.96
C ALA A 328 2.90 -4.84 -22.25
N GLU A 329 1.66 -5.12 -21.91
CA GLU A 329 0.64 -4.10 -22.10
C GLU A 329 0.80 -2.93 -21.08
N VAL A 330 1.11 -3.26 -19.82
CA VAL A 330 1.26 -2.24 -18.81
C VAL A 330 2.44 -1.33 -19.23
N VAL A 331 3.52 -1.94 -19.66
CA VAL A 331 4.69 -1.10 -20.23
C VAL A 331 4.22 -0.13 -21.32
N ARG A 332 3.50 -0.60 -22.32
CA ARG A 332 2.90 0.35 -23.29
C ARG A 332 2.13 1.46 -22.72
N GLU A 333 1.21 1.12 -21.83
CA GLU A 333 0.31 2.06 -21.33
C GLU A 333 0.94 3.14 -20.35
N VAL A 334 1.83 2.64 -19.55
CA VAL A 334 2.61 3.48 -18.60
C VAL A 334 3.54 4.44 -19.39
N GLU A 335 4.21 3.92 -20.40
CA GLU A 335 4.96 4.83 -21.30
C GLU A 335 4.12 5.90 -21.97
N SER A 336 2.94 5.52 -22.45
CA SER A 336 2.02 6.45 -22.99
C SER A 336 1.60 7.51 -22.01
N LEU A 337 1.25 7.07 -20.78
CA LEU A 337 0.94 8.07 -19.75
C LEU A 337 2.07 9.02 -19.45
N ILE A 338 3.28 8.50 -19.38
CA ILE A 338 4.43 9.34 -19.11
C ILE A 338 4.65 10.38 -20.19
N GLU A 339 4.47 9.93 -21.43
CA GLU A 339 4.54 10.86 -22.55
C GLU A 339 3.54 11.96 -22.49
N GLN A 340 2.32 11.64 -22.09
CA GLN A 340 1.31 12.67 -21.94
C GLN A 340 1.67 13.61 -20.79
N LEU A 341 2.21 13.05 -19.70
CA LEU A 341 2.61 13.95 -18.56
C LEU A 341 3.72 14.93 -18.96
N LYS A 342 4.56 14.54 -19.89
CA LYS A 342 5.64 15.51 -20.34
C LYS A 342 5.09 16.80 -20.97
N VAL A 343 3.93 16.76 -21.58
CA VAL A 343 3.35 17.91 -22.20
C VAL A 343 3.31 19.07 -21.18
N LYS A 344 2.75 18.81 -19.99
CA LYS A 344 2.74 19.84 -18.92
C LYS A 344 3.94 19.83 -18.00
N SER A 345 4.62 18.69 -17.77
CA SER A 345 5.76 18.61 -16.90
C SER A 345 6.69 17.53 -17.09
N PRO A 346 7.79 17.86 -17.77
CA PRO A 346 8.83 16.89 -17.90
C PRO A 346 9.31 16.43 -16.58
N THR A 347 9.44 17.37 -15.65
CA THR A 347 10.00 16.96 -14.38
C THR A 347 9.19 15.90 -13.62
N PHE A 348 7.91 16.18 -13.49
CA PHE A 348 7.00 15.22 -12.84
C PHE A 348 6.92 13.94 -13.66
N ALA A 349 6.90 14.06 -14.98
CA ALA A 349 6.97 12.81 -15.78
C ALA A 349 8.20 11.95 -15.46
N GLU A 350 9.38 12.59 -15.29
CA GLU A 350 10.55 11.83 -14.87
C GLU A 350 10.36 11.12 -13.52
N SER A 351 9.72 11.78 -12.56
CA SER A 351 9.57 11.16 -11.26
C SER A 351 8.68 9.95 -11.38
N VAL A 352 7.69 10.07 -12.25
CA VAL A 352 6.80 8.92 -12.54
C VAL A 352 7.58 7.81 -13.23
N ALA A 353 8.52 8.19 -14.08
CA ALA A 353 9.38 7.21 -14.73
C ALA A 353 10.23 6.45 -13.73
N VAL A 354 10.74 7.14 -12.69
CA VAL A 354 11.46 6.48 -11.65
C VAL A 354 10.57 5.56 -10.80
N VAL A 355 9.37 6.02 -10.49
CA VAL A 355 8.47 5.15 -9.75
C VAL A 355 8.27 3.81 -10.52
N TRP A 356 8.07 3.97 -11.82
CA TRP A 356 7.80 2.82 -12.66
C TRP A 356 8.99 1.91 -12.70
N GLU A 357 10.17 2.46 -12.84
CA GLU A 357 11.39 1.65 -12.86
C GLU A 357 11.54 0.91 -11.59
N LYS A 358 11.22 1.56 -10.45
CA LYS A 358 11.34 0.87 -9.16
C LYS A 358 10.31 -0.19 -9.01
N THR A 359 9.17 -0.07 -9.68
CA THR A 359 8.17 -1.16 -9.61
C THR A 359 8.46 -2.35 -10.51
N HIS A 360 8.83 -2.03 -11.76
CA HIS A 360 8.95 -2.98 -12.87
C HIS A 360 10.23 -3.82 -12.73
N LYS A 361 11.38 -3.15 -12.83
CA LYS A 361 12.70 -3.82 -12.77
C LYS A 361 12.88 -4.65 -11.51
N ARG A 362 12.40 -4.10 -10.39
CA ARG A 362 12.16 -4.84 -9.15
C ARG A 362 10.83 -5.59 -9.29
#